data_5CA5
#
_entry.id   5CA5
#
_cell.length_a   60.318
_cell.length_b   63.115
_cell.length_c   83.838
_cell.angle_alpha   90.00
_cell.angle_beta   101.03
_cell.angle_gamma   90.00
#
_symmetry.space_group_name_H-M   'P 1 21 1'
#
loop_
_entity.id
_entity.type
_entity.pdbx_description
1 polymer NONO-1
2 non-polymer 1,2-ETHANEDIOL
3 water water
#
_entity_poly.entity_id   1
_entity_poly.type   'polypeptide(L)'
_entity_poly.pdbx_seq_one_letter_code
;GAAFTESQLMDEVPKKKFTGRCRLFVGNLPNEVKETELKELFSPHGDIAECYLSGKGFAFLRLDTRAHAESAKEAIDGRI
IHGRQVRVRFAVHGAAIRVKELSPTVSNEMLYHAFSHFGDVERAVHIVDEKGRPTGEGIVEFERKPNCNEAMAAIRDKVF
LLTASPKPLICEVLEPRDEDDGLAERMIPRTPGLSKERELGPRFPTPNSFEYVYGMKWKELYVVEQKRRAQLDEELRESR
RRLESDMELAYQDYQAQML
;
_entity_poly.pdbx_strand_id   A,B
#
# COMPACT_ATOMS: atom_id res chain seq x y z
N GLU A 12 22.42 -13.46 0.51
CA GLU A 12 22.26 -12.05 0.84
C GLU A 12 22.07 -11.21 -0.44
N VAL A 13 20.84 -10.72 -0.65
CA VAL A 13 20.51 -9.85 -1.79
C VAL A 13 20.75 -8.39 -1.33
N PRO A 14 21.76 -7.67 -1.91
CA PRO A 14 22.06 -6.31 -1.43
C PRO A 14 20.96 -5.32 -1.77
N LYS A 15 20.84 -4.26 -0.94
CA LYS A 15 19.86 -3.18 -1.11
C LYS A 15 20.38 -2.31 -2.27
N LYS A 16 19.62 -2.28 -3.38
CA LYS A 16 19.97 -1.54 -4.59
C LYS A 16 19.70 -0.06 -4.51
N LYS A 17 20.67 0.71 -5.03
CA LYS A 17 20.67 2.17 -5.04
C LYS A 17 20.30 2.73 -6.39
N PHE A 18 19.78 3.98 -6.40
CA PHE A 18 19.36 4.74 -7.61
C PHE A 18 18.45 3.88 -8.47
N THR A 19 17.37 3.41 -7.86
CA THR A 19 16.36 2.54 -8.40
C THR A 19 15.30 3.44 -9.11
N GLY A 20 14.38 2.82 -9.86
CA GLY A 20 13.28 3.50 -10.53
C GLY A 20 12.33 4.18 -9.56
N ARG A 21 12.24 3.62 -8.33
CA ARG A 21 11.44 4.13 -7.20
C ARG A 21 12.12 5.36 -6.61
N CYS A 22 13.42 5.57 -6.90
CA CYS A 22 14.27 6.70 -6.46
C CYS A 22 14.27 7.80 -7.51
N ARG A 23 13.58 7.57 -8.63
CA ARG A 23 13.53 8.48 -9.78
C ARG A 23 12.51 9.62 -9.68
N LEU A 24 13.05 10.83 -9.64
CA LEU A 24 12.26 12.04 -9.55
C LEU A 24 12.13 12.77 -10.87
N PHE A 25 10.96 13.37 -11.07
CA PHE A 25 10.61 14.24 -12.19
C PHE A 25 10.57 15.65 -11.59
N VAL A 26 11.29 16.60 -12.22
CA VAL A 26 11.35 18.01 -11.82
C VAL A 26 10.76 18.88 -12.96
N GLY A 27 9.56 19.44 -12.76
CA GLY A 27 8.85 20.29 -13.71
C GLY A 27 8.98 21.79 -13.48
N ASN A 28 8.76 22.59 -14.53
CA ASN A 28 8.88 24.07 -14.60
C ASN A 28 10.25 24.67 -14.20
N LEU A 29 11.29 23.97 -14.62
CA LEU A 29 12.69 24.33 -14.39
C LEU A 29 13.20 25.45 -15.31
N PRO A 30 13.59 26.64 -14.76
CA PRO A 30 14.19 27.68 -15.62
C PRO A 30 15.45 27.12 -16.33
N ASN A 31 15.53 27.19 -17.68
CA ASN A 31 16.62 26.58 -18.45
C ASN A 31 18.06 27.07 -18.17
N GLU A 32 18.20 28.14 -17.36
CA GLU A 32 19.49 28.65 -16.89
C GLU A 32 20.10 27.65 -15.87
N VAL A 33 19.22 26.89 -15.16
CA VAL A 33 19.58 25.85 -14.19
C VAL A 33 20.20 24.67 -14.96
N LYS A 34 21.52 24.55 -14.89
CA LYS A 34 22.26 23.49 -15.54
C LYS A 34 22.42 22.31 -14.56
N GLU A 35 23.07 21.22 -15.01
CA GLU A 35 23.29 19.99 -14.23
C GLU A 35 23.85 20.22 -12.83
N THR A 36 24.80 21.17 -12.72
CA THR A 36 25.47 21.54 -11.48
C THR A 36 24.47 22.14 -10.47
N GLU A 37 23.65 23.11 -10.90
CA GLU A 37 22.67 23.77 -10.05
C GLU A 37 21.63 22.80 -9.52
N LEU A 38 21.26 21.80 -10.35
CA LEU A 38 20.29 20.75 -10.01
C LEU A 38 20.92 19.78 -8.97
N LYS A 39 22.23 19.47 -9.14
CA LYS A 39 23.01 18.64 -8.22
C LYS A 39 23.09 19.35 -6.87
N GLU A 40 23.47 20.64 -6.87
CA GLU A 40 23.54 21.49 -5.67
C GLU A 40 22.24 21.43 -4.88
N LEU A 41 21.10 21.76 -5.52
CA LEU A 41 19.73 21.82 -5.00
C LEU A 41 19.22 20.51 -4.39
N PHE A 42 19.54 19.36 -5.01
CA PHE A 42 19.10 18.05 -4.53
C PHE A 42 20.11 17.31 -3.62
N SER A 43 21.41 17.70 -3.68
CA SER A 43 22.51 17.16 -2.85
C SER A 43 22.26 17.15 -1.32
N PRO A 44 21.59 18.17 -0.70
CA PRO A 44 21.31 18.09 0.74
C PRO A 44 20.54 16.84 1.17
N HIS A 45 19.78 16.24 0.24
CA HIS A 45 18.92 15.08 0.50
C HIS A 45 19.60 13.74 0.34
N GLY A 46 20.63 13.69 -0.50
CA GLY A 46 21.41 12.49 -0.74
C GLY A 46 22.23 12.52 -2.02
N ASP A 47 22.91 11.40 -2.29
CA ASP A 47 23.73 11.18 -3.48
C ASP A 47 22.83 11.08 -4.72
N ILE A 48 23.34 11.50 -5.90
CA ILE A 48 22.61 11.55 -7.18
C ILE A 48 23.28 10.82 -8.37
N ALA A 49 22.44 10.19 -9.23
CA ALA A 49 22.78 9.53 -10.47
C ALA A 49 21.72 9.94 -11.50
N GLU A 50 21.81 9.41 -12.73
CA GLU A 50 20.87 9.58 -13.86
C GLU A 50 20.31 10.98 -14.00
N CYS A 51 21.19 11.96 -13.90
CA CYS A 51 20.82 13.35 -14.02
C CYS A 51 20.54 13.72 -15.50
N TYR A 52 19.27 14.07 -15.81
CA TYR A 52 18.87 14.48 -17.16
C TYR A 52 18.21 15.85 -17.17
N LEU A 53 18.72 16.72 -18.03
CA LEU A 53 18.23 18.08 -18.21
C LEU A 53 17.85 18.31 -19.67
N SER A 54 16.54 18.35 -19.92
CA SER A 54 15.91 18.50 -21.23
C SER A 54 16.23 19.79 -21.95
N GLY A 55 16.18 20.91 -21.23
CA GLY A 55 16.29 22.25 -21.81
C GLY A 55 14.93 22.69 -22.34
N LYS A 56 13.87 21.91 -22.00
CA LYS A 56 12.47 22.07 -22.37
C LYS A 56 11.56 22.21 -21.14
N GLY A 57 12.14 22.71 -20.03
CA GLY A 57 11.46 23.02 -18.78
C GLY A 57 11.30 21.94 -17.74
N PHE A 58 11.57 20.69 -18.10
CA PHE A 58 11.47 19.57 -17.18
C PHE A 58 12.84 18.89 -17.00
N ALA A 59 12.94 18.03 -15.96
CA ALA A 59 14.15 17.27 -15.63
C ALA A 59 13.85 15.96 -14.91
N PHE A 60 14.85 15.04 -14.95
CA PHE A 60 14.89 13.76 -14.23
C PHE A 60 16.18 13.58 -13.47
N LEU A 61 16.10 12.92 -12.32
CA LEU A 61 17.24 12.62 -11.42
C LEU A 61 16.88 11.47 -10.48
N ARG A 62 17.91 10.80 -9.97
CA ARG A 62 17.74 9.70 -9.04
C ARG A 62 18.52 9.96 -7.77
N LEU A 63 17.81 9.91 -6.62
CA LEU A 63 18.48 9.96 -5.32
C LEU A 63 18.88 8.49 -5.03
N ASP A 64 19.83 8.24 -4.10
CA ASP A 64 20.30 6.90 -3.75
C ASP A 64 19.24 5.96 -3.16
N THR A 65 18.29 6.51 -2.34
CA THR A 65 17.22 5.76 -1.69
C THR A 65 15.89 6.48 -1.88
N ARG A 66 14.75 5.73 -1.86
CA ARG A 66 13.39 6.24 -1.99
C ARG A 66 13.09 7.26 -0.90
N ALA A 67 13.62 7.01 0.32
CA ALA A 67 13.51 7.87 1.49
C ALA A 67 14.20 9.23 1.27
N HIS A 68 15.38 9.25 0.58
CA HIS A 68 16.10 10.50 0.26
C HIS A 68 15.40 11.30 -0.83
N ALA A 69 14.74 10.56 -1.75
CA ALA A 69 13.96 11.04 -2.89
C ALA A 69 12.62 11.62 -2.46
N GLU A 70 11.99 11.05 -1.38
CA GLU A 70 10.74 11.54 -0.79
C GLU A 70 10.99 12.84 -0.05
N SER A 71 12.11 12.89 0.65
CA SER A 71 12.61 14.04 1.40
C SER A 71 12.95 15.19 0.45
N ALA A 72 13.58 14.89 -0.70
CA ALA A 72 13.93 15.88 -1.76
C ALA A 72 12.67 16.45 -2.39
N LYS A 73 11.67 15.59 -2.66
CA LYS A 73 10.37 15.94 -3.24
C LYS A 73 9.60 16.89 -2.34
N GLU A 74 9.50 16.51 -1.05
CA GLU A 74 8.78 17.22 -0.03
C GLU A 74 9.40 18.58 0.31
N ALA A 75 10.75 18.71 0.20
CA ALA A 75 11.44 19.97 0.50
C ALA A 75 11.54 20.93 -0.68
N ILE A 76 11.63 20.40 -1.92
CA ILE A 76 11.78 21.17 -3.15
C ILE A 76 10.46 21.43 -3.94
N ASP A 77 9.43 20.55 -3.83
CA ASP A 77 8.16 20.77 -4.55
C ASP A 77 7.45 22.06 -4.14
N GLY A 78 7.24 22.94 -5.12
CA GLY A 78 6.61 24.26 -4.92
C GLY A 78 7.60 25.40 -4.69
N ARG A 79 8.91 25.11 -4.58
CA ARG A 79 9.96 26.12 -4.36
C ARG A 79 10.16 27.04 -5.56
N ILE A 80 10.41 28.33 -5.29
CA ILE A 80 10.62 29.36 -6.30
C ILE A 80 12.13 29.41 -6.65
N ILE A 81 12.49 28.84 -7.81
CA ILE A 81 13.87 28.81 -8.30
C ILE A 81 13.99 29.79 -9.47
N HIS A 82 14.83 30.84 -9.28
CA HIS A 82 15.10 31.93 -10.24
C HIS A 82 13.84 32.66 -10.77
N GLY A 83 12.73 32.57 -10.03
CA GLY A 83 11.46 33.19 -10.37
C GLY A 83 10.42 32.24 -10.95
N ARG A 84 10.69 30.92 -10.91
CA ARG A 84 9.76 29.93 -11.44
C ARG A 84 9.33 28.97 -10.37
N GLN A 85 8.01 28.66 -10.32
CA GLN A 85 7.43 27.69 -9.38
C GLN A 85 7.72 26.28 -9.89
N VAL A 86 8.67 25.58 -9.23
CA VAL A 86 9.03 24.23 -9.61
C VAL A 86 8.07 23.20 -9.04
N ARG A 87 7.89 22.11 -9.76
CA ARG A 87 7.01 21.06 -9.32
C ARG A 87 7.81 19.75 -9.33
N VAL A 88 8.10 19.17 -8.13
CA VAL A 88 8.84 17.90 -7.95
C VAL A 88 7.84 16.77 -7.66
N ARG A 89 8.03 15.63 -8.29
CA ARG A 89 7.15 14.49 -8.18
C ARG A 89 7.98 13.20 -8.45
N PHE A 90 7.46 12.01 -8.05
CA PHE A 90 8.12 10.76 -8.34
C PHE A 90 7.71 10.39 -9.74
N ALA A 91 8.72 10.08 -10.58
CA ALA A 91 8.56 9.66 -11.94
C ALA A 91 7.91 8.30 -11.90
N VAL A 92 7.09 7.98 -12.91
CA VAL A 92 6.38 6.70 -13.02
C VAL A 92 7.37 5.59 -13.31
N HIS A 93 7.35 4.53 -12.48
CA HIS A 93 8.25 3.36 -12.57
C HIS A 93 8.04 2.59 -13.88
N GLY A 94 6.83 2.08 -14.11
CA GLY A 94 6.45 1.34 -15.31
C GLY A 94 7.05 -0.05 -15.51
N ALA A 95 7.88 -0.53 -14.56
CA ALA A 95 8.51 -1.85 -14.63
C ALA A 95 8.24 -2.67 -13.32
N ALA A 96 7.01 -2.54 -12.77
CA ALA A 96 6.55 -3.19 -11.54
C ALA A 96 5.42 -4.25 -11.70
N ILE A 97 5.59 -5.41 -11.00
CA ILE A 97 4.68 -6.55 -11.06
C ILE A 97 4.07 -6.86 -9.69
N ARG A 98 2.77 -7.25 -9.70
CA ARG A 98 2.04 -7.71 -8.53
CA ARG A 98 2.04 -7.71 -8.53
C ARG A 98 1.95 -9.22 -8.69
N VAL A 99 2.70 -9.93 -7.88
CA VAL A 99 2.75 -11.37 -7.85
C VAL A 99 1.68 -11.87 -6.84
N LYS A 100 0.93 -12.92 -7.21
CA LYS A 100 -0.11 -13.52 -6.37
C LYS A 100 0.11 -15.03 -6.39
N GLU A 101 -0.54 -15.77 -5.46
CA GLU A 101 -0.46 -17.22 -5.32
C GLU A 101 0.92 -17.69 -4.87
N LEU A 102 1.67 -16.78 -4.22
CA LEU A 102 2.98 -17.07 -3.66
C LEU A 102 2.81 -18.06 -2.51
N SER A 103 3.72 -19.04 -2.44
CA SER A 103 3.78 -20.08 -1.41
C SER A 103 4.23 -19.40 -0.10
N PRO A 104 3.76 -19.84 1.11
CA PRO A 104 4.22 -19.19 2.35
C PRO A 104 5.72 -19.32 2.64
N THR A 105 6.43 -20.13 1.82
CA THR A 105 7.85 -20.45 1.90
C THR A 105 8.67 -19.85 0.76
N VAL A 106 8.03 -19.14 -0.15
CA VAL A 106 8.79 -18.44 -1.16
C VAL A 106 9.25 -17.14 -0.50
N SER A 107 10.56 -17.03 -0.18
CA SER A 107 11.06 -15.80 0.42
C SER A 107 11.34 -14.73 -0.62
N ASN A 108 11.74 -13.53 -0.11
CA ASN A 108 12.13 -12.34 -0.87
C ASN A 108 13.25 -12.69 -1.85
N GLU A 109 14.24 -13.42 -1.38
CA GLU A 109 15.43 -13.86 -2.10
C GLU A 109 15.11 -14.85 -3.21
N MET A 110 14.23 -15.82 -2.93
CA MET A 110 13.70 -16.82 -3.87
C MET A 110 13.01 -16.12 -5.06
N LEU A 111 12.16 -15.14 -4.74
CA LEU A 111 11.44 -14.31 -5.69
C LEU A 111 12.40 -13.46 -6.50
N TYR A 112 13.47 -12.94 -5.86
CA TYR A 112 14.50 -12.13 -6.54
C TYR A 112 15.23 -12.89 -7.64
N HIS A 113 15.83 -14.04 -7.32
CA HIS A 113 16.63 -14.84 -8.24
C HIS A 113 15.79 -15.51 -9.30
N ALA A 114 14.52 -15.84 -8.97
CA ALA A 114 13.57 -16.46 -9.90
C ALA A 114 13.24 -15.49 -11.03
N PHE A 115 12.91 -14.23 -10.71
CA PHE A 115 12.65 -13.16 -11.68
C PHE A 115 13.95 -12.58 -12.23
N SER A 116 15.11 -12.85 -11.60
CA SER A 116 16.41 -12.44 -12.18
C SER A 116 16.73 -13.19 -13.49
N HIS A 117 15.96 -14.26 -13.82
CA HIS A 117 16.05 -15.00 -15.08
C HIS A 117 15.62 -14.10 -16.25
N PHE A 118 14.54 -13.30 -16.02
CA PHE A 118 13.91 -12.41 -17.01
C PHE A 118 14.66 -11.12 -17.26
N GLY A 119 15.51 -10.73 -16.33
CA GLY A 119 16.28 -9.50 -16.45
C GLY A 119 16.73 -9.01 -15.10
N ASP A 120 17.44 -7.87 -15.09
CA ASP A 120 17.90 -7.26 -13.83
C ASP A 120 16.71 -6.70 -13.06
N VAL A 121 16.55 -7.24 -11.82
CA VAL A 121 15.50 -6.99 -10.84
C VAL A 121 16.11 -6.00 -9.84
N GLU A 122 15.34 -4.96 -9.49
CA GLU A 122 15.71 -3.91 -8.54
C GLU A 122 15.36 -4.32 -7.12
N ARG A 123 14.14 -4.85 -6.96
CA ARG A 123 13.55 -5.23 -5.72
C ARG A 123 12.49 -6.33 -5.97
N ALA A 124 12.50 -7.30 -5.05
CA ALA A 124 11.56 -8.40 -4.96
C ALA A 124 11.27 -8.59 -3.50
N VAL A 125 9.99 -8.55 -3.17
CA VAL A 125 9.53 -8.67 -1.79
C VAL A 125 8.24 -9.52 -1.73
N HIS A 126 8.19 -10.46 -0.77
CA HIS A 126 6.96 -11.21 -0.47
C HIS A 126 6.39 -10.43 0.73
N ILE A 127 5.28 -9.72 0.54
CA ILE A 127 4.60 -8.90 1.55
C ILE A 127 4.09 -9.77 2.70
N VAL A 128 4.29 -9.26 3.93
CA VAL A 128 3.84 -9.91 5.17
C VAL A 128 2.87 -8.98 5.94
N ASP A 129 2.06 -9.56 6.85
CA ASP A 129 1.14 -8.78 7.68
C ASP A 129 1.84 -8.20 8.93
N GLU A 130 1.07 -7.50 9.83
CA GLU A 130 1.60 -6.93 11.08
C GLU A 130 2.23 -8.07 11.90
N LYS A 131 1.54 -9.24 11.93
CA LYS A 131 1.98 -10.47 12.60
C LYS A 131 3.25 -11.08 11.96
N GLY A 132 3.64 -10.58 10.79
CA GLY A 132 4.83 -11.04 10.06
C GLY A 132 4.63 -12.24 9.17
N ARG A 133 3.37 -12.76 9.06
CA ARG A 133 3.05 -13.92 8.21
C ARG A 133 2.97 -13.57 6.73
N PRO A 134 3.49 -14.46 5.83
CA PRO A 134 3.36 -14.21 4.38
C PRO A 134 1.90 -14.03 3.95
N THR A 135 1.66 -13.13 2.99
CA THR A 135 0.33 -12.79 2.49
C THR A 135 -0.05 -13.54 1.21
N GLY A 136 0.94 -14.15 0.56
CA GLY A 136 0.77 -14.85 -0.70
C GLY A 136 0.91 -13.88 -1.87
N GLU A 137 1.04 -12.60 -1.55
CA GLU A 137 1.21 -11.52 -2.50
C GLU A 137 2.63 -11.00 -2.39
N GLY A 138 3.16 -10.59 -3.52
CA GLY A 138 4.49 -9.98 -3.58
C GLY A 138 4.62 -8.88 -4.60
N ILE A 139 5.77 -8.17 -4.58
CA ILE A 139 6.13 -7.08 -5.49
C ILE A 139 7.46 -7.41 -6.15
N VAL A 140 7.53 -7.26 -7.50
CA VAL A 140 8.75 -7.41 -8.30
C VAL A 140 8.95 -6.13 -9.16
N GLU A 141 10.12 -5.49 -9.00
CA GLU A 141 10.48 -4.28 -9.76
C GLU A 141 11.73 -4.56 -10.58
N PHE A 142 11.62 -4.38 -11.91
CA PHE A 142 12.75 -4.60 -12.81
C PHE A 142 13.42 -3.28 -13.13
N GLU A 143 14.72 -3.31 -13.48
CA GLU A 143 15.46 -2.10 -13.88
C GLU A 143 14.89 -1.60 -15.24
N ARG A 144 14.51 -2.56 -16.10
CA ARG A 144 14.00 -2.32 -17.42
C ARG A 144 12.60 -2.87 -17.70
N LYS A 145 11.80 -2.01 -18.31
CA LYS A 145 10.41 -2.19 -18.68
C LYS A 145 10.17 -3.35 -19.68
N PRO A 146 10.95 -3.50 -20.77
CA PRO A 146 10.73 -4.66 -21.66
C PRO A 146 10.87 -6.01 -20.94
N ASN A 147 11.86 -6.14 -20.06
CA ASN A 147 12.17 -7.36 -19.26
C ASN A 147 10.97 -7.74 -18.40
N CYS A 148 10.34 -6.72 -17.75
CA CYS A 148 9.14 -6.79 -16.93
C CYS A 148 7.98 -7.32 -17.77
N ASN A 149 7.74 -6.70 -18.95
CA ASN A 149 6.73 -7.09 -19.92
C ASN A 149 6.92 -8.58 -20.35
N GLU A 150 8.19 -9.00 -20.52
CA GLU A 150 8.55 -10.35 -20.86
C GLU A 150 8.15 -11.31 -19.74
N ALA A 151 8.61 -11.06 -18.49
CA ALA A 151 8.29 -11.89 -17.31
C ALA A 151 6.77 -12.02 -17.16
N MET A 152 6.03 -10.88 -17.18
CA MET A 152 4.58 -10.78 -17.05
C MET A 152 3.83 -11.59 -18.08
N ALA A 153 4.16 -11.40 -19.37
CA ALA A 153 3.55 -12.11 -20.51
C ALA A 153 3.81 -13.63 -20.50
N ALA A 154 5.03 -14.06 -20.18
CA ALA A 154 5.39 -15.48 -20.17
C ALA A 154 4.64 -16.28 -19.08
N ILE A 155 4.59 -15.73 -17.83
CA ILE A 155 3.96 -16.29 -16.62
C ILE A 155 2.43 -16.29 -16.72
N ARG A 156 1.86 -15.33 -17.49
CA ARG A 156 0.43 -15.19 -17.74
C ARG A 156 -0.02 -16.26 -18.77
N ASP A 157 0.78 -16.46 -19.83
CA ASP A 157 0.54 -17.38 -20.93
C ASP A 157 0.75 -18.87 -20.57
N LYS A 158 1.85 -19.19 -19.85
CA LYS A 158 2.22 -20.55 -19.44
C LYS A 158 2.32 -20.72 -17.93
N VAL A 159 2.33 -21.97 -17.46
CA VAL A 159 2.42 -22.30 -16.04
C VAL A 159 3.87 -22.15 -15.56
N PHE A 160 4.09 -21.26 -14.57
CA PHE A 160 5.41 -21.02 -14.02
C PHE A 160 5.37 -21.40 -12.55
N LEU A 161 6.25 -22.35 -12.17
CA LEU A 161 6.34 -22.97 -10.85
C LEU A 161 7.64 -22.61 -10.19
N LEU A 162 7.55 -22.10 -8.94
CA LEU A 162 8.71 -21.67 -8.12
C LEU A 162 9.24 -22.80 -7.26
N THR A 163 8.35 -23.73 -6.85
CA THR A 163 8.70 -24.87 -5.97
C THR A 163 8.20 -26.18 -6.61
N ALA A 164 8.33 -27.32 -5.89
CA ALA A 164 7.88 -28.67 -6.30
C ALA A 164 6.35 -28.70 -6.52
N SER A 165 5.68 -27.70 -5.92
CA SER A 165 4.24 -27.53 -5.95
C SER A 165 3.74 -27.13 -7.34
N PRO A 166 2.70 -27.85 -7.83
CA PRO A 166 2.14 -27.54 -9.15
C PRO A 166 1.30 -26.23 -9.23
N LYS A 167 1.21 -25.46 -8.13
CA LYS A 167 0.46 -24.20 -8.06
C LYS A 167 1.20 -23.09 -8.81
N PRO A 168 0.64 -22.63 -9.93
CA PRO A 168 1.31 -21.59 -10.72
C PRO A 168 1.25 -20.17 -10.12
N LEU A 169 2.20 -19.31 -10.54
CA LEU A 169 2.25 -17.90 -10.15
C LEU A 169 1.27 -17.12 -10.99
N ILE A 170 0.74 -16.05 -10.41
CA ILE A 170 -0.09 -15.10 -11.11
C ILE A 170 0.73 -13.83 -11.08
N CYS A 171 0.82 -13.15 -12.22
CA CYS A 171 1.50 -11.87 -12.36
C CYS A 171 0.54 -10.87 -12.97
N GLU A 172 0.51 -9.65 -12.43
CA GLU A 172 -0.33 -8.55 -12.89
C GLU A 172 0.45 -7.25 -12.84
N VAL A 173 0.00 -6.22 -13.59
CA VAL A 173 0.59 -4.87 -13.58
C VAL A 173 0.33 -4.28 -12.19
N LEU A 174 1.39 -3.78 -11.52
CA LEU A 174 1.26 -3.19 -10.20
C LEU A 174 0.90 -1.73 -10.41
N GLU A 175 -0.43 -1.46 -10.52
CA GLU A 175 -0.97 -0.12 -10.69
C GLU A 175 -0.71 0.69 -9.41
N PRO A 176 0.12 1.76 -9.49
CA PRO A 176 0.43 2.51 -8.26
C PRO A 176 -0.76 3.30 -7.71
N ARG A 177 -0.86 3.38 -6.39
CA ARG A 177 -1.91 4.10 -5.70
C ARG A 177 -1.33 5.30 -4.95
N ASP A 178 -1.97 6.45 -5.09
CA ASP A 178 -1.52 7.68 -4.42
C ASP A 178 -2.17 7.87 -3.00
N GLU A 179 -1.47 7.34 -1.99
CA GLU A 179 -1.84 7.37 -0.57
C GLU A 179 -1.16 8.53 0.09
N ASP A 180 -0.32 9.24 -0.67
CA ASP A 180 0.47 10.36 -0.16
C ASP A 180 -0.14 11.72 -0.42
N ASP A 181 -0.55 12.00 -1.66
CA ASP A 181 -1.16 13.27 -2.07
C ASP A 181 -2.67 13.21 -2.16
N GLY A 182 -3.20 12.06 -2.59
CA GLY A 182 -4.61 11.76 -2.74
C GLY A 182 -5.43 12.76 -3.54
N LEU A 183 -6.65 13.09 -3.03
CA LEU A 183 -7.59 14.02 -3.63
C LEU A 183 -7.63 15.38 -2.90
N ALA A 184 -6.81 16.33 -3.35
CA ALA A 184 -6.79 17.66 -2.77
C ALA A 184 -8.05 18.38 -3.21
N GLU A 185 -8.64 19.17 -2.32
CA GLU A 185 -9.86 19.95 -2.53
C GLU A 185 -9.78 20.74 -3.84
N ARG A 186 -8.61 21.36 -4.09
CA ARG A 186 -8.26 22.12 -5.28
C ARG A 186 -8.48 21.33 -6.58
N MET A 187 -8.24 20.00 -6.59
CA MET A 187 -8.39 19.10 -7.76
C MET A 187 -9.87 18.78 -8.09
N ILE A 188 -10.79 19.15 -7.23
CA ILE A 188 -12.20 18.82 -7.47
C ILE A 188 -12.82 19.89 -8.35
N PRO A 189 -13.40 19.51 -9.50
CA PRO A 189 -14.08 20.51 -10.35
C PRO A 189 -15.29 21.09 -9.61
N ARG A 190 -15.28 22.42 -9.42
CA ARG A 190 -16.31 23.19 -8.73
C ARG A 190 -17.53 23.34 -9.61
N THR A 191 -18.68 22.78 -9.17
CA THR A 191 -19.95 22.82 -9.92
C THR A 191 -21.10 23.10 -8.93
N PRO A 192 -22.34 23.43 -9.41
CA PRO A 192 -23.44 23.67 -8.46
C PRO A 192 -23.85 22.44 -7.63
N GLY A 193 -23.79 21.26 -8.23
CA GLY A 193 -24.09 19.97 -7.59
C GLY A 193 -23.21 19.65 -6.41
N LEU A 194 -21.92 20.05 -6.51
CA LEU A 194 -20.90 19.96 -5.48
C LEU A 194 -21.30 20.88 -4.29
N SER A 195 -21.79 22.11 -4.53
CA SER A 195 -22.25 23.01 -3.46
C SER A 195 -23.49 22.48 -2.74
N LYS A 196 -24.34 21.75 -3.49
CA LYS A 196 -25.58 21.12 -3.05
C LYS A 196 -25.26 20.00 -2.09
N GLU A 197 -24.29 19.12 -2.43
CA GLU A 197 -23.87 18.02 -1.55
C GLU A 197 -23.19 18.49 -0.26
N ARG A 198 -22.54 19.68 -0.29
CA ARG A 198 -21.85 20.25 0.86
C ARG A 198 -22.73 21.19 1.73
N GLU A 199 -24.06 21.23 1.42
CA GLU A 199 -25.06 22.02 2.16
C GLU A 199 -25.29 21.41 3.54
N LEU A 200 -25.14 20.08 3.63
CA LEU A 200 -25.26 19.24 4.81
C LEU A 200 -23.86 18.68 5.03
N GLY A 201 -23.37 18.71 6.27
CA GLY A 201 -22.02 18.25 6.58
C GLY A 201 -21.95 16.96 7.36
N PRO A 202 -20.75 16.64 7.93
CA PRO A 202 -20.59 15.39 8.72
C PRO A 202 -21.58 15.30 9.86
N ARG A 203 -22.40 14.24 9.86
CA ARG A 203 -23.46 14.08 10.85
C ARG A 203 -23.93 12.62 11.03
N PHE A 204 -24.60 12.36 12.16
CA PHE A 204 -25.27 11.09 12.42
C PHE A 204 -26.77 11.36 12.22
N PRO A 205 -27.45 10.89 11.12
CA PRO A 205 -28.89 11.20 10.96
C PRO A 205 -29.74 10.57 12.05
N THR A 206 -30.91 11.17 12.34
CA THR A 206 -31.86 10.72 13.37
C THR A 206 -33.08 10.00 12.77
N PRO A 207 -33.72 9.02 13.47
CA PRO A 207 -34.92 8.37 12.88
C PRO A 207 -36.08 9.25 12.45
N ASN A 208 -36.18 10.51 12.98
CA ASN A 208 -37.21 11.51 12.61
C ASN A 208 -36.80 12.28 11.34
N SER A 209 -35.72 11.84 10.67
CA SER A 209 -35.22 12.44 9.45
C SER A 209 -35.45 11.50 8.27
N PHE A 210 -35.91 12.07 7.14
CA PHE A 210 -36.17 11.37 5.88
C PHE A 210 -34.97 10.49 5.42
N GLU A 211 -33.76 11.05 5.48
CA GLU A 211 -32.52 10.39 5.01
C GLU A 211 -32.05 9.14 5.79
N TYR A 212 -32.48 9.02 7.06
CA TYR A 212 -32.12 7.91 7.96
C TYR A 212 -32.58 6.56 7.41
N VAL A 213 -33.78 6.51 6.83
CA VAL A 213 -34.38 5.30 6.27
C VAL A 213 -33.56 4.85 5.07
N TYR A 214 -33.02 5.81 4.31
CA TYR A 214 -32.17 5.56 3.15
C TYR A 214 -30.71 5.20 3.54
N GLY A 215 -30.24 5.67 4.68
CA GLY A 215 -28.92 5.36 5.23
C GLY A 215 -28.92 3.98 5.88
N MET A 216 -30.08 3.56 6.40
CA MET A 216 -30.26 2.23 6.98
C MET A 216 -30.39 1.18 5.86
N LYS A 217 -30.87 1.59 4.68
CA LYS A 217 -31.02 0.75 3.48
C LYS A 217 -29.64 0.47 2.92
N TRP A 218 -28.76 1.48 2.99
CA TRP A 218 -27.39 1.36 2.56
C TRP A 218 -26.55 0.45 3.46
N LYS A 219 -26.76 0.54 4.79
CA LYS A 219 -26.09 -0.28 5.81
C LYS A 219 -26.48 -1.76 5.68
N GLU A 220 -27.75 -2.00 5.35
CA GLU A 220 -28.33 -3.32 5.12
C GLU A 220 -27.66 -3.92 3.88
N LEU A 221 -27.53 -3.11 2.79
CA LEU A 221 -26.90 -3.47 1.53
C LEU A 221 -25.45 -3.92 1.75
N TYR A 222 -24.66 -3.16 2.55
CA TYR A 222 -23.26 -3.48 2.84
C TYR A 222 -23.10 -4.85 3.54
N VAL A 223 -24.07 -5.21 4.38
CA VAL A 223 -24.11 -6.48 5.11
C VAL A 223 -24.35 -7.63 4.14
N VAL A 224 -25.27 -7.44 3.14
CA VAL A 224 -25.59 -8.45 2.11
C VAL A 224 -24.32 -8.71 1.28
N GLU A 225 -23.71 -7.63 0.69
CA GLU A 225 -22.47 -7.69 -0.10
C GLU A 225 -21.36 -8.48 0.61
N GLN A 226 -21.00 -8.08 1.83
CA GLN A 226 -20.02 -8.75 2.68
C GLN A 226 -20.36 -10.25 2.87
N LYS A 227 -21.67 -10.55 3.11
CA LYS A 227 -22.19 -11.90 3.31
C LYS A 227 -22.05 -12.80 2.09
N ARG A 228 -22.35 -12.24 0.91
CA ARG A 228 -22.25 -12.94 -0.37
C ARG A 228 -20.77 -13.16 -0.70
N ARG A 229 -19.93 -12.11 -0.52
CA ARG A 229 -18.50 -12.23 -0.76
C ARG A 229 -17.86 -13.30 0.14
N ALA A 230 -18.20 -13.31 1.43
CA ALA A 230 -17.76 -14.30 2.40
C ALA A 230 -18.23 -15.72 2.02
N GLN A 231 -19.45 -15.83 1.41
CA GLN A 231 -20.05 -17.10 0.94
C GLN A 231 -19.28 -17.64 -0.26
N LEU A 232 -19.00 -16.74 -1.22
CA LEU A 232 -18.25 -17.04 -2.42
C LEU A 232 -16.84 -17.48 -2.03
N ASP A 233 -16.14 -16.69 -1.18
CA ASP A 233 -14.80 -17.04 -0.73
C ASP A 233 -14.75 -18.41 -0.09
N GLU A 234 -15.78 -18.79 0.67
CA GLU A 234 -15.83 -20.11 1.29
C GLU A 234 -16.14 -21.26 0.35
N GLU A 235 -16.85 -21.00 -0.78
CA GLU A 235 -17.10 -21.97 -1.85
C GLU A 235 -15.75 -22.28 -2.53
N LEU A 236 -15.07 -21.22 -3.02
CA LEU A 236 -13.79 -21.28 -3.71
C LEU A 236 -12.68 -21.81 -2.79
N ARG A 237 -12.67 -21.43 -1.49
CA ARG A 237 -11.69 -21.89 -0.51
C ARG A 237 -11.78 -23.41 -0.27
N GLU A 238 -13.02 -23.97 -0.31
CA GLU A 238 -13.35 -25.39 -0.14
C GLU A 238 -12.95 -26.14 -1.40
N SER A 239 -13.30 -25.58 -2.59
CA SER A 239 -12.98 -26.12 -3.92
C SER A 239 -11.46 -26.38 -4.00
N ARG A 240 -10.64 -25.42 -3.52
CA ARG A 240 -9.19 -25.50 -3.42
C ARG A 240 -8.74 -26.64 -2.51
N ARG A 241 -9.39 -26.75 -1.31
CA ARG A 241 -9.06 -27.80 -0.32
C ARG A 241 -9.28 -29.23 -0.86
N ARG A 242 -10.25 -29.39 -1.77
CA ARG A 242 -10.64 -30.60 -2.47
C ARG A 242 -9.63 -30.92 -3.57
N LEU A 243 -9.16 -29.88 -4.28
CA LEU A 243 -8.15 -30.01 -5.33
C LEU A 243 -6.83 -30.40 -4.70
N GLU A 244 -6.42 -29.69 -3.62
CA GLU A 244 -5.20 -29.92 -2.86
C GLU A 244 -5.11 -31.36 -2.35
N SER A 245 -6.27 -31.93 -1.94
CA SER A 245 -6.42 -33.32 -1.46
C SER A 245 -6.22 -34.32 -2.59
N ASP A 246 -6.93 -34.14 -3.74
CA ASP A 246 -6.85 -35.00 -4.93
C ASP A 246 -5.43 -35.05 -5.50
N MET A 247 -4.73 -33.91 -5.45
CA MET A 247 -3.36 -33.78 -5.92
C MET A 247 -2.38 -34.50 -5.03
N GLU A 248 -2.49 -34.35 -3.71
CA GLU A 248 -1.66 -35.02 -2.69
C GLU A 248 -1.78 -36.52 -2.82
N LEU A 249 -3.01 -37.03 -3.01
CA LEU A 249 -3.29 -38.45 -3.16
C LEU A 249 -2.69 -39.03 -4.44
N ALA A 250 -2.81 -38.31 -5.57
CA ALA A 250 -2.29 -38.71 -6.87
C ALA A 250 -0.78 -38.64 -6.91
N TYR A 251 -0.18 -37.57 -6.35
CA TYR A 251 1.28 -37.41 -6.28
C TYR A 251 1.96 -38.50 -5.45
N GLN A 252 1.35 -38.89 -4.32
CA GLN A 252 1.80 -39.94 -3.39
C GLN A 252 1.79 -41.29 -4.09
N ASP A 253 0.71 -41.58 -4.82
CA ASP A 253 0.49 -42.81 -5.59
C ASP A 253 1.47 -42.83 -6.80
N TYR A 254 1.70 -41.68 -7.45
CA TYR A 254 2.63 -41.57 -8.57
C TYR A 254 4.06 -41.75 -8.10
N GLN A 255 4.44 -41.06 -7.02
CA GLN A 255 5.79 -41.22 -6.52
C GLN A 255 6.09 -42.63 -6.02
N ALA A 256 5.02 -43.38 -5.64
CA ALA A 256 5.11 -44.76 -5.22
C ALA A 256 5.38 -45.68 -6.42
N GLN A 257 4.83 -45.36 -7.60
CA GLN A 257 5.04 -46.16 -8.84
C GLN A 257 6.34 -45.74 -9.60
N MET A 258 6.98 -44.63 -9.17
CA MET A 258 8.20 -44.10 -9.78
C MET A 258 9.45 -44.49 -9.00
N LEU A 259 9.33 -45.49 -8.12
CA LEU A 259 10.44 -46.02 -7.34
C LEU A 259 11.14 -47.11 -8.15
N GLU B 12 -5.09 24.87 3.17
CA GLU B 12 -5.97 24.74 4.32
C GLU B 12 -5.49 23.81 5.46
N VAL B 13 -5.05 22.56 5.15
CA VAL B 13 -4.59 21.65 6.21
C VAL B 13 -3.03 21.51 6.18
N PRO B 14 -2.32 22.03 7.20
CA PRO B 14 -0.83 21.95 7.19
C PRO B 14 -0.31 20.53 7.37
N LYS B 15 0.89 20.26 6.80
CA LYS B 15 1.58 18.97 6.88
C LYS B 15 2.12 18.83 8.30
N LYS B 16 1.59 17.85 9.06
CA LYS B 16 1.96 17.61 10.46
C LYS B 16 3.28 16.89 10.63
N LYS B 17 4.04 17.35 11.61
CA LYS B 17 5.37 16.86 11.93
C LYS B 17 5.36 15.99 13.18
N PHE B 18 6.37 15.09 13.31
CA PHE B 18 6.55 14.18 14.44
C PHE B 18 5.26 13.45 14.75
N THR B 19 4.76 12.72 13.78
CA THR B 19 3.51 11.97 13.91
C THR B 19 3.86 10.53 14.34
N GLY B 20 2.82 9.72 14.56
CA GLY B 20 2.95 8.32 14.93
C GLY B 20 3.67 7.49 13.89
N ARG B 21 3.54 7.90 12.60
CA ARG B 21 4.19 7.28 11.43
C ARG B 21 5.67 7.64 11.40
N CYS B 22 6.10 8.70 12.15
CA CYS B 22 7.49 9.18 12.28
C CYS B 22 8.15 8.55 13.53
N ARG B 23 7.40 7.70 14.29
CA ARG B 23 7.91 7.06 15.49
C ARG B 23 8.76 5.81 15.28
N LEU B 24 9.96 5.84 15.82
CA LEU B 24 10.84 4.69 15.73
C LEU B 24 11.10 4.09 17.08
N PHE B 25 11.25 2.79 17.04
CA PHE B 25 11.62 1.96 18.15
C PHE B 25 13.10 1.55 17.95
N VAL B 26 13.90 1.62 19.05
CA VAL B 26 15.32 1.26 19.06
C VAL B 26 15.62 0.17 20.10
N GLY B 27 15.94 -1.02 19.64
CA GLY B 27 16.26 -2.16 20.48
C GLY B 27 17.74 -2.36 20.72
N ASN B 28 18.06 -3.04 21.84
CA ASN B 28 19.41 -3.38 22.32
C ASN B 28 20.37 -2.19 22.49
N LEU B 29 19.79 -1.09 22.93
CA LEU B 29 20.53 0.14 23.13
C LEU B 29 21.30 0.15 24.48
N PRO B 30 22.65 0.35 24.46
CA PRO B 30 23.40 0.50 25.72
C PRO B 30 22.78 1.56 26.65
N ASN B 31 22.68 1.29 27.97
CA ASN B 31 22.10 2.30 28.87
C ASN B 31 22.99 3.53 29.15
N GLU B 32 24.28 3.48 28.74
CA GLU B 32 25.21 4.60 28.84
C GLU B 32 24.82 5.69 27.80
N VAL B 33 24.14 5.28 26.69
CA VAL B 33 23.63 6.15 25.63
C VAL B 33 22.48 6.96 26.22
N LYS B 34 22.75 8.23 26.50
CA LYS B 34 21.74 9.14 27.06
C LYS B 34 20.99 9.86 25.92
N GLU B 35 20.02 10.71 26.27
CA GLU B 35 19.20 11.46 25.31
C GLU B 35 20.03 12.27 24.31
N THR B 36 21.14 12.90 24.79
CA THR B 36 22.06 13.74 24.00
C THR B 36 22.75 12.97 22.88
N GLU B 37 23.17 11.75 23.19
CA GLU B 37 23.85 10.85 22.27
C GLU B 37 22.87 10.23 21.31
N LEU B 38 21.62 9.97 21.77
CA LEU B 38 20.57 9.39 20.93
C LEU B 38 20.18 10.40 19.86
N LYS B 39 20.00 11.67 20.27
CA LYS B 39 19.70 12.77 19.36
C LYS B 39 20.89 12.93 18.38
N GLU B 40 22.15 12.94 18.87
CA GLU B 40 23.39 13.01 18.06
C GLU B 40 23.40 11.93 16.98
N LEU B 41 22.97 10.70 17.35
CA LEU B 41 22.97 9.56 16.46
C LEU B 41 21.93 9.63 15.34
N PHE B 42 20.73 10.17 15.65
CA PHE B 42 19.61 10.30 14.70
C PHE B 42 19.52 11.68 14.01
N SER B 43 20.17 12.74 14.59
CA SER B 43 20.25 14.12 14.06
C SER B 43 20.66 14.26 12.58
N PRO B 44 21.64 13.46 12.04
CA PRO B 44 21.97 13.56 10.60
C PRO B 44 20.77 13.35 9.66
N HIS B 45 19.75 12.64 10.12
CA HIS B 45 18.55 12.29 9.34
C HIS B 45 17.43 13.29 9.41
N GLY B 46 17.36 14.03 10.51
CA GLY B 46 16.34 15.05 10.70
C GLY B 46 16.17 15.49 12.13
N ASP B 47 15.24 16.45 12.32
CA ASP B 47 14.87 17.00 13.61
C ASP B 47 14.17 15.93 14.42
N ILE B 48 14.50 15.85 15.72
CA ILE B 48 13.99 14.88 16.66
C ILE B 48 13.18 15.58 17.74
N ALA B 49 12.17 14.86 18.24
CA ALA B 49 11.27 15.21 19.34
C ALA B 49 10.81 13.87 19.94
N GLU B 50 10.15 13.91 21.11
CA GLU B 50 9.63 12.76 21.83
C GLU B 50 10.68 11.69 22.09
N CYS B 51 11.83 12.08 22.66
CA CYS B 51 12.83 11.08 23.01
C CYS B 51 12.44 10.45 24.32
N TYR B 52 12.33 9.12 24.31
CA TYR B 52 12.10 8.32 25.50
C TYR B 52 13.21 7.27 25.57
N LEU B 53 13.88 7.21 26.73
CA LEU B 53 14.93 6.22 27.03
C LEU B 53 14.43 5.48 28.25
N SER B 54 14.30 4.16 28.12
CA SER B 54 13.76 3.30 29.17
C SER B 54 14.73 2.93 30.29
N GLY B 55 16.00 2.80 29.92
CA GLY B 55 17.03 2.33 30.85
C GLY B 55 16.97 0.82 30.97
N LYS B 56 16.14 0.17 30.12
CA LYS B 56 15.86 -1.26 30.04
C LYS B 56 16.23 -1.84 28.66
N GLY B 57 17.15 -1.16 27.94
CA GLY B 57 17.72 -1.59 26.67
C GLY B 57 17.00 -1.18 25.41
N PHE B 58 15.85 -0.50 25.56
CA PHE B 58 15.10 -0.05 24.42
C PHE B 58 14.79 1.45 24.51
N ALA B 59 14.52 2.07 23.35
CA ALA B 59 14.23 3.49 23.24
C ALA B 59 13.20 3.80 22.14
N PHE B 60 12.52 4.97 22.28
CA PHE B 60 11.60 5.60 21.31
C PHE B 60 12.09 6.99 21.01
N LEU B 61 11.73 7.49 19.81
CA LEU B 61 12.06 8.83 19.28
C LEU B 61 11.20 9.10 18.05
N ARG B 62 10.97 10.37 17.75
CA ARG B 62 10.22 10.72 16.54
C ARG B 62 11.07 11.59 15.65
N LEU B 63 11.05 11.33 14.35
CA LEU B 63 11.70 12.25 13.41
C LEU B 63 10.62 13.17 12.87
N ASP B 64 11.00 14.29 12.22
CA ASP B 64 10.02 15.26 11.73
C ASP B 64 9.10 14.74 10.61
N THR B 65 9.65 13.88 9.70
CA THR B 65 8.91 13.31 8.57
C THR B 65 9.18 11.80 8.48
N ARG B 66 8.21 11.02 7.92
CA ARG B 66 8.29 9.57 7.75
C ARG B 66 9.51 9.21 6.90
N ALA B 67 9.80 10.06 5.90
CA ALA B 67 10.95 9.94 4.99
C ALA B 67 12.30 10.07 5.75
N HIS B 68 12.38 10.99 6.76
CA HIS B 68 13.59 11.16 7.59
C HIS B 68 13.79 10.01 8.58
N ALA B 69 12.64 9.43 9.02
CA ALA B 69 12.52 8.29 9.94
C ALA B 69 12.87 6.97 9.25
N GLU B 70 12.53 6.84 7.93
CA GLU B 70 12.87 5.67 7.11
C GLU B 70 14.37 5.66 6.84
N SER B 71 14.93 6.83 6.55
CA SER B 71 16.34 7.07 6.31
C SER B 71 17.17 6.78 7.57
N ALA B 72 16.68 7.19 8.76
CA ALA B 72 17.32 6.95 10.06
C ALA B 72 17.33 5.47 10.39
N LYS B 73 16.20 4.76 10.11
CA LYS B 73 16.01 3.33 10.30
C LYS B 73 17.00 2.52 9.46
N GLU B 74 17.03 2.85 8.18
CA GLU B 74 17.87 2.20 7.18
C GLU B 74 19.36 2.39 7.41
N ALA B 75 19.77 3.55 7.97
CA ALA B 75 21.19 3.83 8.23
C ALA B 75 21.70 3.34 9.59
N ILE B 76 20.82 3.31 10.61
CA ILE B 76 21.15 2.93 11.99
C ILE B 76 20.81 1.46 12.35
N ASP B 77 19.76 0.82 11.75
CA ASP B 77 19.46 -0.58 12.10
C ASP B 77 20.64 -1.50 11.79
N GLY B 78 21.03 -2.29 12.80
CA GLY B 78 22.15 -3.22 12.76
C GLY B 78 23.50 -2.63 13.14
N ARG B 79 23.58 -1.30 13.41
CA ARG B 79 24.84 -0.62 13.78
C ARG B 79 25.32 -1.02 15.17
N ILE B 80 26.66 -1.17 15.33
CA ILE B 80 27.30 -1.52 16.60
C ILE B 80 27.58 -0.23 17.40
N ILE B 81 26.77 0.01 18.44
CA ILE B 81 26.87 1.18 19.31
C ILE B 81 27.40 0.73 20.66
N HIS B 82 28.63 1.20 21.03
CA HIS B 82 29.36 0.88 22.27
C HIS B 82 29.50 -0.63 22.57
N GLY B 83 29.47 -1.46 21.51
CA GLY B 83 29.57 -2.91 21.60
C GLY B 83 28.27 -3.69 21.54
N ARG B 84 27.16 -3.00 21.18
CA ARG B 84 25.84 -3.63 21.10
C ARG B 84 25.22 -3.36 19.78
N GLN B 85 24.73 -4.45 19.15
CA GLN B 85 24.00 -4.35 17.90
C GLN B 85 22.63 -3.86 18.16
N VAL B 86 22.38 -2.67 17.67
CA VAL B 86 21.09 -2.03 17.80
C VAL B 86 20.13 -2.47 16.71
N ARG B 87 18.84 -2.34 17.01
CA ARG B 87 17.77 -2.64 16.07
C ARG B 87 16.90 -1.39 15.96
N VAL B 88 16.71 -0.86 14.74
CA VAL B 88 15.86 0.33 14.51
C VAL B 88 14.72 -0.14 13.59
N ARG B 89 13.50 0.10 14.03
CA ARG B 89 12.27 -0.34 13.39
C ARG B 89 11.21 0.75 13.61
N PHE B 90 10.15 0.78 12.79
CA PHE B 90 9.07 1.73 12.97
C PHE B 90 8.19 1.17 14.05
N ALA B 91 7.86 2.03 15.05
CA ALA B 91 6.96 1.70 16.14
C ALA B 91 5.58 1.56 15.56
N VAL B 92 4.76 0.67 16.14
CA VAL B 92 3.38 0.43 15.69
C VAL B 92 2.51 1.64 15.99
N HIS B 93 1.81 2.14 14.96
CA HIS B 93 0.91 3.31 15.06
C HIS B 93 -0.28 3.05 15.98
N GLY B 94 -1.11 2.05 15.65
CA GLY B 94 -2.27 1.65 16.42
C GLY B 94 -3.46 2.60 16.48
N ALA B 95 -3.39 3.76 15.79
CA ALA B 95 -4.47 4.75 15.75
C ALA B 95 -4.84 5.12 14.28
N ALA B 96 -4.85 4.10 13.37
CA ALA B 96 -5.13 4.21 11.94
C ALA B 96 -6.42 3.47 11.44
N ILE B 97 -7.21 4.18 10.59
CA ILE B 97 -8.50 3.74 10.05
C ILE B 97 -8.46 3.62 8.53
N ARG B 98 -9.16 2.57 8.00
CA ARG B 98 -9.40 2.34 6.58
C ARG B 98 -10.86 2.74 6.35
N VAL B 99 -11.02 3.92 5.73
CA VAL B 99 -12.27 4.52 5.33
C VAL B 99 -12.61 3.94 3.93
N LYS B 100 -13.88 3.62 3.72
CA LYS B 100 -14.39 3.01 2.51
C LYS B 100 -15.75 3.66 2.24
N GLU B 101 -16.32 3.46 1.03
CA GLU B 101 -17.59 4.06 0.59
C GLU B 101 -17.52 5.58 0.55
N LEU B 102 -16.29 6.13 0.38
CA LEU B 102 -16.07 7.57 0.27
C LEU B 102 -16.63 8.04 -1.07
N SER B 103 -17.27 9.21 -1.09
CA SER B 103 -17.83 9.83 -2.29
C SER B 103 -16.66 10.39 -3.16
N PRO B 104 -16.76 10.36 -4.52
CA PRO B 104 -15.66 10.87 -5.37
C PRO B 104 -15.32 12.36 -5.21
N THR B 105 -16.12 13.08 -4.39
CA THR B 105 -16.04 14.50 -4.09
C THR B 105 -15.63 14.80 -2.64
N VAL B 106 -15.43 13.74 -1.84
CA VAL B 106 -14.97 13.89 -0.48
C VAL B 106 -13.45 14.11 -0.56
N SER B 107 -12.99 15.34 -0.38
CA SER B 107 -11.55 15.60 -0.40
C SER B 107 -10.81 15.13 0.85
N ASN B 108 -9.47 15.27 0.81
CA ASN B 108 -8.54 15.01 1.91
C ASN B 108 -8.90 15.87 3.11
N GLU B 109 -9.17 17.16 2.84
CA GLU B 109 -9.53 18.21 3.80
C GLU B 109 -10.88 17.98 4.47
N MET B 110 -11.88 17.54 3.68
CA MET B 110 -13.25 17.18 4.11
C MET B 110 -13.16 16.03 5.12
N LEU B 111 -12.38 14.99 4.78
CA LEU B 111 -12.10 13.81 5.60
C LEU B 111 -11.36 14.21 6.87
N TYR B 112 -10.41 15.18 6.77
CA TYR B 112 -9.65 15.67 7.92
C TYR B 112 -10.52 16.30 8.99
N HIS B 113 -11.31 17.32 8.63
CA HIS B 113 -12.16 18.08 9.56
C HIS B 113 -13.33 17.26 10.07
N ALA B 114 -13.83 16.29 9.26
CA ALA B 114 -14.93 15.39 9.64
C ALA B 114 -14.49 14.49 10.79
N PHE B 115 -13.32 13.86 10.68
CA PHE B 115 -12.71 13.03 11.74
C PHE B 115 -12.05 13.87 12.81
N SER B 116 -11.79 15.17 12.56
CA SER B 116 -11.31 16.08 13.62
C SER B 116 -12.35 16.30 14.75
N HIS B 117 -13.62 15.88 14.52
CA HIS B 117 -14.70 15.88 15.52
C HIS B 117 -14.38 14.89 16.63
N PHE B 118 -13.83 13.71 16.25
CA PHE B 118 -13.50 12.60 17.16
C PHE B 118 -12.22 12.79 17.97
N GLY B 119 -11.36 13.67 17.50
CA GLY B 119 -10.09 13.95 18.15
C GLY B 119 -9.08 14.51 17.20
N ASP B 120 -7.87 14.79 17.69
CA ASP B 120 -6.78 15.31 16.85
C ASP B 120 -6.32 14.23 15.88
N VAL B 121 -6.39 14.57 14.56
CA VAL B 121 -6.05 13.78 13.38
C VAL B 121 -4.66 14.22 12.91
N GLU B 122 -3.79 13.25 12.57
CA GLU B 122 -2.43 13.45 12.08
C GLU B 122 -2.42 13.60 10.56
N ARG B 123 -3.25 12.78 9.91
CA ARG B 123 -3.35 12.68 8.48
C ARG B 123 -4.66 12.01 8.09
N ALA B 124 -5.23 12.54 7.01
CA ALA B 124 -6.46 12.14 6.34
C ALA B 124 -6.21 12.30 4.85
N VAL B 125 -6.35 11.20 4.17
CA VAL B 125 -6.12 11.17 2.74
C VAL B 125 -7.18 10.30 2.05
N HIS B 126 -7.70 10.80 0.90
CA HIS B 126 -8.60 10.07 0.02
C HIS B 126 -7.68 9.54 -1.07
N ILE B 127 -7.38 8.24 -1.06
CA ILE B 127 -6.48 7.58 -2.03
C ILE B 127 -7.05 7.68 -3.46
N VAL B 128 -6.13 7.96 -4.41
CA VAL B 128 -6.43 8.05 -5.85
C VAL B 128 -5.58 7.03 -6.62
N ASP B 129 -6.05 6.63 -7.83
CA ASP B 129 -5.34 5.70 -8.69
C ASP B 129 -4.22 6.43 -9.47
N GLU B 130 -3.53 5.74 -10.42
CA GLU B 130 -2.45 6.33 -11.22
C GLU B 130 -3.01 7.50 -12.05
N LYS B 131 -4.22 7.29 -12.60
CA LYS B 131 -4.98 8.28 -13.39
C LYS B 131 -5.43 9.50 -12.55
N GLY B 132 -5.28 9.41 -11.23
CA GLY B 132 -5.65 10.48 -10.30
C GLY B 132 -7.08 10.48 -9.84
N ARG B 133 -7.89 9.50 -10.26
CA ARG B 133 -9.30 9.36 -9.87
C ARG B 133 -9.47 8.83 -8.45
N PRO B 134 -10.43 9.39 -7.67
CA PRO B 134 -10.71 8.86 -6.33
C PRO B 134 -11.06 7.36 -6.35
N THR B 135 -10.62 6.64 -5.31
CA THR B 135 -10.80 5.19 -5.20
C THR B 135 -12.00 4.81 -4.35
N GLY B 136 -12.53 5.77 -3.58
CA GLY B 136 -13.63 5.55 -2.64
C GLY B 136 -13.09 5.06 -1.30
N GLU B 137 -11.77 4.81 -1.24
CA GLU B 137 -11.04 4.38 -0.07
C GLU B 137 -10.18 5.53 0.45
N GLY B 138 -10.03 5.59 1.77
CA GLY B 138 -9.20 6.60 2.40
C GLY B 138 -8.48 6.11 3.64
N ILE B 139 -7.52 6.92 4.13
CA ILE B 139 -6.75 6.63 5.37
C ILE B 139 -6.93 7.77 6.34
N VAL B 140 -7.23 7.44 7.62
CA VAL B 140 -7.35 8.39 8.72
C VAL B 140 -6.41 7.94 9.88
N GLU B 141 -5.50 8.85 10.30
CA GLU B 141 -4.56 8.58 11.39
C GLU B 141 -4.77 9.62 12.49
N PHE B 142 -5.08 9.14 13.70
CA PHE B 142 -5.31 10.00 14.85
C PHE B 142 -4.05 10.07 15.69
N GLU B 143 -3.86 11.17 16.43
CA GLU B 143 -2.72 11.33 17.35
C GLU B 143 -2.86 10.31 18.50
N ARG B 144 -4.12 10.09 18.93
CA ARG B 144 -4.47 9.22 20.03
C ARG B 144 -5.41 8.06 19.69
N LYS B 145 -5.01 6.90 20.20
CA LYS B 145 -5.64 5.59 20.03
C LYS B 145 -7.09 5.51 20.55
N PRO B 146 -7.47 5.92 21.79
CA PRO B 146 -8.91 5.87 22.17
C PRO B 146 -9.82 6.72 21.25
N ASN B 147 -9.35 7.89 20.78
CA ASN B 147 -10.12 8.77 19.89
C ASN B 147 -10.46 8.02 18.59
N CYS B 148 -9.45 7.27 18.05
CA CYS B 148 -9.56 6.41 16.88
C CYS B 148 -10.60 5.31 17.13
N ASN B 149 -10.50 4.59 18.28
CA ASN B 149 -11.42 3.56 18.71
C ASN B 149 -12.86 4.12 18.83
N GLU B 150 -12.99 5.38 19.32
CA GLU B 150 -14.26 6.08 19.42
C GLU B 150 -14.84 6.32 18.04
N ALA B 151 -14.05 6.94 17.12
CA ALA B 151 -14.43 7.24 15.73
C ALA B 151 -14.94 5.98 15.02
N MET B 152 -14.13 4.90 15.08
CA MET B 152 -14.36 3.58 14.48
C MET B 152 -15.61 2.92 14.98
N ALA B 153 -15.79 2.83 16.32
CA ALA B 153 -16.97 2.24 16.99
C ALA B 153 -18.28 2.98 16.70
N ALA B 154 -18.24 4.32 16.71
CA ALA B 154 -19.45 5.14 16.48
C ALA B 154 -20.00 4.99 15.06
N ILE B 155 -19.11 5.07 14.04
CA ILE B 155 -19.36 4.99 12.59
C ILE B 155 -19.82 3.58 12.16
N ARG B 156 -19.32 2.55 12.89
CA ARG B 156 -19.65 1.14 12.68
C ARG B 156 -21.07 0.84 13.21
N ASP B 157 -21.40 1.38 14.40
CA ASP B 157 -22.66 1.22 15.11
C ASP B 157 -23.84 2.00 14.49
N LYS B 158 -23.61 3.27 14.13
CA LYS B 158 -24.61 4.20 13.56
C LYS B 158 -24.26 4.73 12.18
N VAL B 159 -25.24 5.28 11.47
CA VAL B 159 -25.06 5.82 10.11
C VAL B 159 -24.38 7.18 10.19
N PHE B 160 -23.21 7.31 9.58
CA PHE B 160 -22.46 8.57 9.57
C PHE B 160 -22.32 9.03 8.12
N LEU B 161 -22.84 10.23 7.82
CA LEU B 161 -22.93 10.84 6.49
C LEU B 161 -22.05 12.08 6.42
N LEU B 162 -21.20 12.16 5.38
CA LEU B 162 -20.26 13.25 5.13
C LEU B 162 -20.87 14.34 4.26
N THR B 163 -21.82 13.96 3.38
CA THR B 163 -22.48 14.87 2.43
C THR B 163 -24.02 14.70 2.54
N ALA B 164 -24.78 15.37 1.66
CA ALA B 164 -26.25 15.30 1.53
C ALA B 164 -26.71 13.87 1.21
N SER B 165 -25.78 13.07 0.66
CA SER B 165 -25.94 11.68 0.25
C SER B 165 -26.17 10.75 1.45
N PRO B 166 -27.25 9.93 1.35
CA PRO B 166 -27.54 8.98 2.45
C PRO B 166 -26.58 7.78 2.56
N LYS B 167 -25.54 7.71 1.71
CA LYS B 167 -24.55 6.63 1.71
C LYS B 167 -23.61 6.73 2.90
N PRO B 168 -23.72 5.77 3.85
CA PRO B 168 -22.88 5.85 5.05
C PRO B 168 -21.43 5.44 4.85
N LEU B 169 -20.56 5.91 5.76
CA LEU B 169 -19.13 5.55 5.74
C LEU B 169 -18.97 4.19 6.37
N ILE B 170 -17.95 3.48 5.93
CA ILE B 170 -17.52 2.23 6.52
C ILE B 170 -16.14 2.55 7.06
N CYS B 171 -15.87 2.14 8.29
CA CYS B 171 -14.57 2.29 8.93
C CYS B 171 -14.08 0.95 9.41
N GLU B 172 -12.81 0.65 9.17
CA GLU B 172 -12.16 -0.61 9.57
C GLU B 172 -10.76 -0.32 10.07
N VAL B 173 -10.19 -1.26 10.87
CA VAL B 173 -8.82 -1.17 11.37
C VAL B 173 -7.87 -1.27 10.17
N LEU B 174 -6.94 -0.31 10.05
CA LEU B 174 -5.99 -0.30 8.94
C LEU B 174 -4.81 -1.16 9.37
N GLU B 175 -4.95 -2.48 9.14
CA GLU B 175 -3.97 -3.52 9.45
C GLU B 175 -2.71 -3.24 8.62
N PRO B 176 -1.58 -2.91 9.27
CA PRO B 176 -0.36 -2.58 8.50
C PRO B 176 0.21 -3.76 7.75
N ARG B 177 0.70 -3.49 6.54
CA ARG B 177 1.30 -4.51 5.67
C ARG B 177 2.77 -4.19 5.45
N ASP B 178 3.62 -5.19 5.63
CA ASP B 178 5.06 -5.03 5.46
C ASP B 178 5.51 -5.35 4.00
N GLU B 179 5.55 -4.29 3.17
CA GLU B 179 5.93 -4.32 1.75
C GLU B 179 7.39 -3.93 1.62
N ASP B 180 8.01 -3.59 2.75
CA ASP B 180 9.38 -3.13 2.83
C ASP B 180 10.38 -4.21 3.18
N ASP B 181 10.12 -4.96 4.26
CA ASP B 181 10.99 -6.05 4.72
C ASP B 181 10.52 -7.44 4.29
N GLY B 182 9.19 -7.62 4.23
CA GLY B 182 8.52 -8.85 3.84
C GLY B 182 8.99 -10.13 4.53
N LEU B 183 9.16 -11.22 3.75
CA LEU B 183 9.58 -12.54 4.22
C LEU B 183 11.04 -12.86 3.89
N ALA B 184 11.95 -12.53 4.81
CA ALA B 184 13.35 -12.81 4.61
C ALA B 184 13.57 -14.30 4.78
N GLU B 185 14.44 -14.89 3.92
CA GLU B 185 14.80 -16.30 3.91
C GLU B 185 15.10 -16.81 5.33
N ARG B 186 15.88 -16.00 6.08
CA ARG B 186 16.26 -16.23 7.46
C ARG B 186 15.07 -16.49 8.40
N MET B 187 13.92 -15.83 8.18
CA MET B 187 12.68 -15.95 8.99
C MET B 187 11.93 -17.28 8.73
N ILE B 188 12.32 -18.06 7.72
CA ILE B 188 11.60 -19.27 7.39
C ILE B 188 12.10 -20.41 8.25
N PRO B 189 11.19 -21.07 9.02
CA PRO B 189 11.65 -22.22 9.82
C PRO B 189 12.08 -23.36 8.89
N ARG B 190 13.33 -23.78 9.05
CA ARG B 190 14.00 -24.84 8.28
C ARG B 190 13.48 -26.20 8.71
N THR B 191 12.81 -26.91 7.78
CA THR B 191 12.24 -28.24 8.02
C THR B 191 12.59 -29.18 6.83
N PRO B 192 12.42 -30.53 6.94
CA PRO B 192 12.74 -31.39 5.78
C PRO B 192 11.84 -31.15 4.55
N GLY B 193 10.56 -30.88 4.79
CA GLY B 193 9.55 -30.59 3.76
C GLY B 193 9.88 -29.37 2.92
N LEU B 194 10.47 -28.35 3.57
CA LEU B 194 11.01 -27.14 2.98
C LEU B 194 12.16 -27.51 1.99
N SER B 195 13.11 -28.41 2.37
CA SER B 195 14.21 -28.86 1.48
C SER B 195 13.71 -29.65 0.27
N LYS B 196 12.58 -30.38 0.46
CA LYS B 196 11.87 -31.19 -0.52
C LYS B 196 11.28 -30.28 -1.58
N GLU B 197 10.57 -29.21 -1.16
CA GLU B 197 9.97 -28.24 -2.10
C GLU B 197 11.02 -27.44 -2.91
N ARG B 198 12.24 -27.26 -2.35
CA ARG B 198 13.32 -26.53 -3.02
C ARG B 198 14.25 -27.42 -3.88
N GLU B 199 13.89 -28.72 -4.03
CA GLU B 199 14.62 -29.70 -4.85
C GLU B 199 14.46 -29.37 -6.33
N LEU B 200 13.31 -28.79 -6.69
CA LEU B 200 12.91 -28.34 -8.01
C LEU B 200 12.78 -26.81 -7.88
N GLY B 201 13.33 -26.08 -8.82
CA GLY B 201 13.36 -24.63 -8.79
C GLY B 201 12.47 -23.97 -9.82
N PRO B 202 12.65 -22.63 -10.01
CA PRO B 202 11.78 -21.88 -10.97
C PRO B 202 11.86 -22.48 -12.36
N ARG B 203 10.68 -22.89 -12.87
CA ARG B 203 10.60 -23.57 -14.18
C ARG B 203 9.23 -23.46 -14.84
N PHE B 204 9.19 -23.69 -16.15
CA PHE B 204 7.95 -23.80 -16.91
C PHE B 204 7.79 -25.32 -17.18
N PRO B 205 6.82 -26.04 -16.54
CA PRO B 205 6.69 -27.48 -16.83
C PRO B 205 6.26 -27.75 -18.26
N THR B 206 6.60 -28.94 -18.79
CA THR B 206 6.30 -29.38 -20.16
C THR B 206 5.14 -30.40 -20.19
N PRO B 207 4.31 -30.49 -21.27
CA PRO B 207 3.22 -31.49 -21.28
C PRO B 207 3.60 -32.95 -21.07
N ASN B 208 4.90 -33.34 -21.28
CA ASN B 208 5.46 -34.69 -21.06
C ASN B 208 5.83 -34.91 -19.58
N SER B 209 5.50 -33.93 -18.71
CA SER B 209 5.75 -33.98 -17.27
C SER B 209 4.44 -34.15 -16.51
N PHE B 210 4.43 -35.06 -15.52
CA PHE B 210 3.29 -35.37 -14.65
C PHE B 210 2.66 -34.10 -14.01
N GLU B 211 3.50 -33.20 -13.49
CA GLU B 211 3.04 -31.97 -12.82
C GLU B 211 2.30 -30.90 -13.68
N TYR B 212 2.50 -30.93 -15.01
CA TYR B 212 1.90 -30.00 -15.97
C TYR B 212 0.38 -30.09 -15.94
N VAL B 213 -0.17 -31.31 -15.83
CA VAL B 213 -1.62 -31.57 -15.82
C VAL B 213 -2.23 -30.95 -14.55
N TYR B 214 -1.47 -30.99 -13.44
CA TYR B 214 -1.87 -30.42 -12.17
C TYR B 214 -1.69 -28.88 -12.09
N GLY B 215 -0.76 -28.34 -12.86
CA GLY B 215 -0.52 -26.91 -12.99
C GLY B 215 -1.54 -26.26 -13.91
N MET B 216 -2.05 -27.03 -14.88
CA MET B 216 -3.09 -26.58 -15.80
C MET B 216 -4.45 -26.58 -15.08
N LYS B 217 -4.61 -27.48 -14.08
CA LYS B 217 -5.82 -27.60 -13.26
C LYS B 217 -5.92 -26.40 -12.34
N TRP B 218 -4.77 -25.95 -11.85
CA TRP B 218 -4.66 -24.77 -11.01
C TRP B 218 -4.95 -23.47 -11.76
N LYS B 219 -4.44 -23.36 -13.01
CA LYS B 219 -4.65 -22.20 -13.91
C LYS B 219 -6.11 -22.07 -14.28
N GLU B 220 -6.79 -23.20 -14.50
CA GLU B 220 -8.20 -23.31 -14.83
C GLU B 220 -9.01 -22.79 -13.63
N LEU B 221 -8.62 -23.23 -12.40
CA LEU B 221 -9.24 -22.86 -11.13
C LEU B 221 -9.18 -21.34 -10.93
N TYR B 222 -8.00 -20.70 -11.19
CA TYR B 222 -7.84 -19.24 -11.03
C TYR B 222 -8.76 -18.43 -11.94
N VAL B 223 -9.03 -18.97 -13.14
CA VAL B 223 -9.91 -18.36 -14.15
C VAL B 223 -11.37 -18.41 -13.67
N VAL B 224 -11.80 -19.56 -13.05
CA VAL B 224 -13.14 -19.76 -12.50
C VAL B 224 -13.35 -18.74 -11.37
N GLU B 225 -12.41 -18.70 -10.39
CA GLU B 225 -12.38 -17.80 -9.23
C GLU B 225 -12.59 -16.34 -9.60
N GLN B 226 -11.77 -15.83 -10.51
CA GLN B 226 -11.81 -14.48 -11.07
C GLN B 226 -13.19 -14.24 -11.75
N LYS B 227 -13.69 -15.23 -12.52
CA LYS B 227 -14.96 -15.17 -13.27
C LYS B 227 -16.17 -15.07 -12.36
N ARG B 228 -16.18 -15.83 -11.25
CA ARG B 228 -17.24 -15.84 -10.26
C ARG B 228 -17.21 -14.52 -9.50
N ARG B 229 -16.00 -14.06 -9.09
CA ARG B 229 -15.86 -12.78 -8.39
C ARG B 229 -16.34 -11.61 -9.25
N ALA B 230 -15.97 -11.59 -10.53
CA ALA B 230 -16.40 -10.60 -11.52
C ALA B 230 -17.93 -10.66 -11.74
N GLN B 231 -18.53 -11.87 -11.65
CA GLN B 231 -19.98 -12.10 -11.79
C GLN B 231 -20.73 -11.53 -10.57
N LEU B 232 -20.20 -11.82 -9.37
CA LEU B 232 -20.74 -11.35 -8.12
C LEU B 232 -20.66 -9.83 -8.09
N ASP B 233 -19.48 -9.25 -8.37
CA ASP B 233 -19.31 -7.80 -8.40
C ASP B 233 -20.30 -7.13 -9.34
N GLU B 234 -20.62 -7.74 -10.50
CA GLU B 234 -21.60 -7.18 -11.42
C GLU B 234 -23.05 -7.31 -10.97
N GLU B 235 -23.38 -8.33 -10.13
CA GLU B 235 -24.71 -8.51 -9.53
C GLU B 235 -24.92 -7.37 -8.52
N LEU B 236 -23.96 -7.24 -7.57
CA LEU B 236 -23.94 -6.25 -6.49
C LEU B 236 -23.84 -4.83 -7.05
N ARG B 237 -22.98 -4.61 -8.06
CA ARG B 237 -22.80 -3.29 -8.69
C ARG B 237 -24.08 -2.82 -9.36
N GLU B 238 -24.97 -3.78 -9.77
CA GLU B 238 -26.25 -3.51 -10.42
C GLU B 238 -27.38 -3.31 -9.40
N SER B 239 -27.36 -4.07 -8.31
CA SER B 239 -28.22 -3.96 -7.14
C SER B 239 -28.13 -2.51 -6.60
N ARG B 240 -26.89 -1.98 -6.53
CA ARG B 240 -26.56 -0.61 -6.13
C ARG B 240 -27.15 0.40 -7.09
N ARG B 241 -27.02 0.16 -8.41
CA ARG B 241 -27.54 1.04 -9.46
C ARG B 241 -29.07 1.24 -9.40
N ARG B 242 -29.80 0.19 -8.97
CA ARG B 242 -31.24 0.15 -8.78
C ARG B 242 -31.61 0.89 -7.50
N LEU B 243 -30.81 0.72 -6.43
CA LEU B 243 -31.03 1.42 -5.16
C LEU B 243 -30.82 2.91 -5.36
N GLU B 244 -29.69 3.29 -6.01
CA GLU B 244 -29.34 4.67 -6.32
C GLU B 244 -30.44 5.38 -7.11
N SER B 245 -31.10 4.64 -8.05
CA SER B 245 -32.22 5.11 -8.88
C SER B 245 -33.48 5.35 -8.04
N ASP B 246 -33.88 4.36 -7.20
CA ASP B 246 -35.06 4.43 -6.32
C ASP B 246 -34.95 5.58 -5.34
N MET B 247 -33.73 5.84 -4.85
CA MET B 247 -33.45 6.92 -3.91
C MET B 247 -33.55 8.27 -4.55
N GLU B 248 -32.97 8.45 -5.75
CA GLU B 248 -33.01 9.69 -6.54
C GLU B 248 -34.45 10.08 -6.84
N LEU B 249 -35.28 9.08 -7.24
CA LEU B 249 -36.68 9.29 -7.56
C LEU B 249 -37.51 9.70 -6.33
N ALA B 250 -37.27 9.06 -5.18
CA ALA B 250 -37.96 9.33 -3.92
C ALA B 250 -37.54 10.67 -3.32
N TYR B 251 -36.24 10.99 -3.38
CA TYR B 251 -35.71 12.26 -2.88
C TYR B 251 -36.25 13.46 -3.66
N GLN B 252 -36.36 13.32 -4.99
CA GLN B 252 -36.89 14.33 -5.94
C GLN B 252 -38.37 14.58 -5.64
N ASP B 253 -39.11 13.49 -5.35
CA ASP B 253 -40.53 13.48 -5.01
C ASP B 253 -40.73 14.14 -3.65
N TYR B 254 -39.87 13.81 -2.68
CA TYR B 254 -39.90 14.38 -1.34
C TYR B 254 -39.55 15.84 -1.35
N GLN B 255 -38.46 16.22 -2.05
CA GLN B 255 -38.09 17.63 -2.11
C GLN B 255 -39.15 18.48 -2.84
N ALA B 256 -40.00 17.84 -3.68
CA ALA B 256 -41.10 18.49 -4.38
C ALA B 256 -42.26 18.77 -3.41
N GLN B 257 -42.49 17.89 -2.42
CA GLN B 257 -43.56 18.08 -1.40
C GLN B 257 -43.09 18.93 -0.20
N MET B 258 -41.77 19.25 -0.13
CA MET B 258 -41.17 20.04 0.94
C MET B 258 -40.93 21.49 0.52
N LEU B 259 -41.60 21.93 -0.56
CA LEU B 259 -41.54 23.30 -1.05
C LEU B 259 -42.62 24.10 -0.35
#